data_2W5U
#
_entry.id   2W5U
#
_cell.length_a   38.533
_cell.length_b   50.967
_cell.length_c   72.806
_cell.angle_alpha   90.00
_cell.angle_beta   98.64
_cell.angle_gamma   90.00
#
_symmetry.space_group_name_H-M   'P 1 21 1'
#
loop_
_entity.id
_entity.type
_entity.pdbx_description
1 polymer Flavodoxin
2 non-polymer 'FLAVIN MONONUCLEOTIDE'
3 non-polymer [2-(5-amino-4-cyano-1H-pyrazol-1-yl)-5-(trifluoromethyl)phenyl](hydroxy)oxoammonium
4 water water
#
_entity_poly.entity_id   1
_entity_poly.type   'polypeptide(L)'
_entity_poly.pdbx_seq_one_letter_code
;MGKIGIFFGTDSGNAEAIAEKISKAIGNAEVVDVAKASKEQFNSFTKVILVAPTAGAGDLQTDWEDFLGTLEASDFANKT
IGLVGLGDQDTYSETFAEGIFHIYEKAKAGKVVGQTSTDGYHFEASKAVEGGKFVGLVIDEDNQDDLTDERISKWVEQVR
GSFA
;
_entity_poly.pdbx_strand_id   A,B
#
loop_
_chem_comp.id
_chem_comp.type
_chem_comp.name
_chem_comp.formula
FMN non-polymer 'FLAVIN MONONUCLEOTIDE' 'C17 H21 N4 O9 P'
IC3 non-polymer [2-(5-amino-4-cyano-1H-pyrazol-1-yl)-5-(trifluoromethyl)phenyl](hydroxy)oxoammonium 'C11 H7 F3 N5 O2 1'
#
# COMPACT_ATOMS: atom_id res chain seq x y z
N GLY A 2 5.73 -2.30 19.70
CA GLY A 2 5.81 -0.84 20.05
C GLY A 2 4.49 -0.13 20.26
N LYS A 3 4.41 0.61 21.36
CA LYS A 3 3.23 1.44 21.66
C LYS A 3 3.12 2.62 20.66
N ILE A 4 4.25 3.29 20.39
CA ILE A 4 4.31 4.44 19.50
C ILE A 4 4.48 4.05 18.01
N GLY A 5 3.54 4.44 17.16
CA GLY A 5 3.68 4.25 15.73
C GLY A 5 4.27 5.49 15.07
N ILE A 6 5.28 5.29 14.23
CA ILE A 6 5.92 6.37 13.46
C ILE A 6 5.82 6.13 11.94
N PHE A 7 4.89 6.84 11.31
CA PHE A 7 4.63 6.72 9.88
C PHE A 7 5.35 7.83 9.12
N PHE A 8 6.02 7.45 8.03
CA PHE A 8 6.77 8.38 7.18
C PHE A 8 6.61 8.00 5.70
N GLY A 9 6.73 8.99 4.84
CA GLY A 9 6.79 8.75 3.41
C GLY A 9 8.06 9.47 3.02
N THR A 10 8.78 8.97 2.01
CA THR A 10 10.07 9.52 1.64
C THR A 10 10.40 9.31 0.18
N ASP A 11 11.18 10.24 -0.35
CA ASP A 11 11.62 10.17 -1.73
C ASP A 11 13.13 10.03 -1.81
N SER A 12 13.83 10.36 -0.73
CA SER A 12 15.29 10.26 -0.68
C SER A 12 15.76 9.67 0.64
N GLY A 13 14.81 9.33 1.50
CA GLY A 13 15.16 8.67 2.75
C GLY A 13 15.55 9.61 3.87
N ASN A 14 15.36 10.91 3.69
CA ASN A 14 15.53 11.84 4.80
C ASN A 14 14.55 11.52 5.89
N ALA A 15 13.27 11.48 5.53
CA ALA A 15 12.19 11.22 6.48
C ALA A 15 12.40 9.89 7.19
N GLU A 16 12.71 8.87 6.40
CA GLU A 16 12.95 7.51 6.89
C GLU A 16 14.11 7.45 7.91
N ALA A 17 15.22 8.14 7.60
CA ALA A 17 16.34 8.24 8.54
C ALA A 17 15.87 8.95 9.81
N ILE A 18 15.14 10.05 9.62
CA ILE A 18 14.58 10.81 10.74
C ILE A 18 13.66 9.97 11.63
N ALA A 19 12.76 9.22 11.02
CA ALA A 19 11.79 8.39 11.75
C ALA A 19 12.51 7.30 12.53
N GLU A 20 13.56 6.75 11.92
CA GLU A 20 14.43 5.75 12.53
C GLU A 20 15.08 6.31 13.78
N LYS A 21 15.74 7.46 13.62
CA LYS A 21 16.34 8.22 14.72
C LYS A 21 15.34 8.47 15.82
N ILE A 22 14.18 9.00 15.44
CA ILE A 22 13.16 9.40 16.39
C ILE A 22 12.68 8.16 17.11
N SER A 23 12.80 7.01 16.47
CA SER A 23 12.45 5.77 17.14
C SER A 23 13.57 5.32 18.07
N LYS A 24 14.81 5.51 17.61
CA LYS A 24 15.98 5.21 18.41
C LYS A 24 15.87 5.93 19.75
N ALA A 25 15.52 7.21 19.71
CA ALA A 25 15.50 8.08 20.90
C ALA A 25 14.27 7.92 21.81
N ILE A 26 13.07 8.08 21.26
CA ILE A 26 11.82 7.94 22.04
C ILE A 26 11.59 6.52 22.53
N GLY A 27 11.99 5.54 21.71
CA GLY A 27 11.86 4.12 22.04
C GLY A 27 10.44 3.59 22.10
N ASN A 28 10.32 2.25 22.12
CA ASN A 28 9.02 1.59 22.21
C ASN A 28 8.13 1.95 21.00
N ALA A 29 8.75 1.92 19.82
CA ALA A 29 8.11 2.37 18.60
C ALA A 29 8.28 1.40 17.43
N GLU A 30 7.40 1.54 16.45
CA GLU A 30 7.40 0.74 15.24
C GLU A 30 7.36 1.70 14.06
N VAL A 31 8.36 1.60 13.21
CA VAL A 31 8.50 2.49 12.06
C VAL A 31 7.80 1.91 10.84
N VAL A 32 6.88 2.69 10.26
CA VAL A 32 6.18 2.27 9.05
C VAL A 32 6.24 3.27 7.89
N ASP A 33 6.57 2.75 6.71
CA ASP A 33 6.43 3.52 5.48
C ASP A 33 4.94 3.67 5.25
N VAL A 34 4.47 4.90 5.13
CA VAL A 34 3.06 5.18 4.82
C VAL A 34 2.71 4.65 3.43
N ALA A 35 3.74 4.39 2.61
CA ALA A 35 3.55 3.92 1.24
C ALA A 35 3.17 2.48 1.18
N LYS A 36 3.39 1.74 2.27
CA LYS A 36 3.07 0.29 2.33
C LYS A 36 2.13 -0.08 3.49
N ALA A 37 1.28 0.88 3.87
CA ALA A 37 0.39 0.77 5.02
C ALA A 37 -1.06 1.18 4.72
N SER A 38 -1.89 1.06 5.76
CA SER A 38 -3.32 1.36 5.67
C SER A 38 -3.85 1.97 6.97
N LYS A 39 -4.98 2.65 6.88
CA LYS A 39 -5.66 3.16 8.06
C LYS A 39 -5.83 2.05 9.09
N GLU A 40 -5.94 0.82 8.61
CA GLU A 40 -6.14 -0.31 9.50
C GLU A 40 -4.92 -0.43 10.40
N GLN A 41 -3.74 -0.21 9.84
CA GLN A 41 -2.49 -0.24 10.60
C GLN A 41 -2.25 1.04 11.41
N PHE A 42 -2.73 2.17 10.87
CA PHE A 42 -2.66 3.47 11.54
C PHE A 42 -3.43 3.45 12.88
N ASN A 43 -4.62 2.83 12.84
CA ASN A 43 -5.49 2.73 14.01
C ASN A 43 -5.14 1.59 14.97
N SER A 44 -4.08 0.86 14.65
CA SER A 44 -3.54 -0.12 15.58
C SER A 44 -2.84 0.58 16.75
N PHE A 45 -2.78 1.90 16.69
CA PHE A 45 -2.02 2.70 17.66
C PHE A 45 -2.89 3.82 18.24
N THR A 46 -2.59 4.21 19.48
CA THR A 46 -3.22 5.35 20.13
C THR A 46 -2.23 6.49 20.08
N LYS A 47 -0.97 6.19 20.38
CA LYS A 47 0.10 7.20 20.37
C LYS A 47 0.87 7.16 19.05
N VAL A 48 0.82 8.26 18.28
CA VAL A 48 1.45 8.27 16.95
C VAL A 48 2.32 9.49 16.70
N ILE A 49 3.37 9.28 15.90
CA ILE A 49 4.27 10.34 15.45
C ILE A 49 4.37 10.26 13.92
N LEU A 50 3.95 11.34 13.26
CA LEU A 50 3.92 11.39 11.80
C LEU A 50 5.04 12.23 11.20
N VAL A 51 5.99 11.58 10.53
CA VAL A 51 7.13 12.30 9.96
C VAL A 51 6.85 12.42 8.50
N ALA A 52 7.04 13.62 7.92
CA ALA A 52 6.63 13.84 6.55
C ALA A 52 7.36 14.96 5.84
N PRO A 53 7.91 14.65 4.66
CA PRO A 53 8.60 15.65 3.86
C PRO A 53 7.61 16.52 3.07
N THR A 54 8.09 17.69 2.63
CA THR A 54 7.25 18.61 1.89
C THR A 54 7.49 18.52 0.38
N ALA A 55 6.41 18.53 -0.41
CA ALA A 55 6.50 18.55 -1.87
C ALA A 55 6.02 19.88 -2.51
N GLY A 56 5.87 19.87 -3.84
CA GLY A 56 5.36 21.00 -4.61
C GLY A 56 4.26 21.80 -3.91
N ALA A 57 4.38 23.13 -3.96
CA ALA A 57 3.39 24.02 -3.33
C ALA A 57 3.14 23.76 -1.83
N GLY A 58 4.18 23.38 -1.10
CA GLY A 58 4.03 23.05 0.31
C GLY A 58 3.15 21.84 0.56
N ASP A 59 2.88 21.06 -0.49
CA ASP A 59 2.08 19.86 -0.30
C ASP A 59 2.87 18.70 0.29
N LEU A 60 2.21 17.55 0.44
CA LEU A 60 2.82 16.36 1.01
C LEU A 60 3.51 15.47 -0.03
N GLN A 61 4.60 14.83 0.40
CA GLN A 61 5.27 13.83 -0.39
C GLN A 61 4.18 12.84 -0.87
N THR A 62 4.16 12.54 -2.17
CA THR A 62 3.17 11.68 -2.79
C THR A 62 2.60 10.59 -1.88
N ASP A 63 3.44 9.70 -1.37
CA ASP A 63 2.95 8.62 -0.52
C ASP A 63 2.11 9.04 0.71
N TRP A 64 2.57 10.08 1.41
CA TRP A 64 1.86 10.63 2.55
C TRP A 64 0.53 11.22 2.05
N GLU A 65 0.55 11.70 0.82
CA GLU A 65 -0.61 12.29 0.21
C GLU A 65 -1.68 11.25 -0.06
N ASP A 66 -1.26 10.08 -0.52
CA ASP A 66 -2.22 9.01 -0.77
C ASP A 66 -2.77 8.50 0.54
N PHE A 67 -1.89 8.31 1.53
CA PHE A 67 -2.22 7.79 2.85
C PHE A 67 -3.29 8.65 3.49
N LEU A 68 -2.96 9.91 3.79
CA LEU A 68 -3.89 10.84 4.44
C LEU A 68 -5.23 10.88 3.73
N GLY A 69 -5.22 10.58 2.44
CA GLY A 69 -6.42 10.57 1.64
C GLY A 69 -7.38 9.56 2.20
N THR A 70 -6.83 8.48 2.75
CA THR A 70 -7.64 7.40 3.32
C THR A 70 -8.06 7.62 4.75
N LEU A 71 -7.58 8.70 5.36
CA LEU A 71 -7.95 9.01 6.74
C LEU A 71 -8.78 10.28 6.78
N GLU A 72 -9.55 10.41 7.85
CA GLU A 72 -10.35 11.60 8.04
C GLU A 72 -10.14 12.06 9.47
N ALA A 73 -10.68 13.21 9.82
CA ALA A 73 -10.53 13.73 11.17
C ALA A 73 -10.91 12.63 12.17
N SER A 74 -11.98 11.89 11.85
CA SER A 74 -12.47 10.75 12.66
C SER A 74 -11.31 9.89 13.18
N ASP A 75 -10.44 9.49 12.25
CA ASP A 75 -9.33 8.62 12.54
C ASP A 75 -8.26 9.21 13.46
N PHE A 76 -8.16 10.53 13.52
CA PHE A 76 -7.19 11.18 14.41
C PHE A 76 -7.77 11.54 15.77
N ALA A 77 -9.06 11.31 15.98
CA ALA A 77 -9.74 11.78 17.19
C ALA A 77 -9.23 11.17 18.47
N ASN A 78 -9.22 9.83 18.51
CA ASN A 78 -8.78 9.08 19.70
C ASN A 78 -7.28 8.94 19.89
N LYS A 79 -6.48 9.81 19.26
CA LYS A 79 -5.04 9.59 19.20
C LYS A 79 -4.20 10.75 19.69
N THR A 80 -3.05 10.43 20.28
CA THR A 80 -2.02 11.41 20.57
C THR A 80 -1.11 11.46 19.35
N ILE A 81 -1.08 12.62 18.68
CA ILE A 81 -0.35 12.80 17.42
C ILE A 81 0.87 13.66 17.61
N GLY A 82 1.92 13.30 16.89
CA GLY A 82 3.17 14.03 16.88
C GLY A 82 3.53 14.35 15.45
N LEU A 83 3.81 15.63 15.18
CA LEU A 83 4.15 16.03 13.82
C LEU A 83 5.63 16.43 13.65
N VAL A 84 6.28 15.83 12.64
CA VAL A 84 7.70 16.06 12.39
C VAL A 84 7.99 16.18 10.91
N GLY A 85 7.93 17.42 10.39
CA GLY A 85 8.09 17.66 8.97
C GLY A 85 9.47 18.09 8.51
N LEU A 86 9.99 17.39 7.51
CA LEU A 86 11.24 17.74 6.85
C LEU A 86 11.01 18.96 5.96
N GLY A 87 12.08 19.64 5.55
CA GLY A 87 11.94 20.74 4.61
C GLY A 87 13.21 21.51 4.28
N ASP A 88 13.10 22.39 3.28
CA ASP A 88 14.22 23.24 2.83
C ASP A 88 13.86 24.73 2.94
N GLN A 89 14.36 25.40 4.00
CA GLN A 89 14.06 26.82 4.22
C GLN A 89 14.73 27.75 3.22
N ASP A 90 15.79 27.26 2.56
CA ASP A 90 16.58 28.07 1.62
C ASP A 90 16.10 28.10 0.18
N THR A 91 15.67 26.94 -0.33
CA THR A 91 15.19 26.84 -1.70
C THR A 91 13.67 27.10 -1.79
N TYR A 92 12.98 27.12 -0.65
CA TYR A 92 11.53 27.37 -0.63
C TYR A 92 11.14 28.25 0.55
N SER A 93 11.44 29.55 0.43
CA SER A 93 11.15 30.51 1.49
C SER A 93 9.67 30.53 1.83
N GLU A 94 8.86 30.78 0.79
CA GLU A 94 7.44 31.00 0.92
C GLU A 94 6.66 29.81 1.45
N THR A 95 7.27 28.64 1.38
CA THR A 95 6.62 27.38 1.74
C THR A 95 7.65 26.50 2.42
N PHE A 96 7.74 26.50 3.74
CA PHE A 96 8.79 25.76 4.41
C PHE A 96 8.22 24.74 5.37
N ALA A 97 8.53 23.47 5.12
CA ALA A 97 8.03 22.33 5.91
C ALA A 97 6.51 22.40 6.08
N GLU A 98 5.83 22.83 5.03
CA GLU A 98 4.37 22.94 5.05
C GLU A 98 3.66 21.59 5.07
N GLY A 99 4.23 20.61 4.35
CA GLY A 99 3.57 19.32 4.20
C GLY A 99 2.81 18.92 5.45
N ILE A 100 3.46 19.14 6.58
CA ILE A 100 2.89 18.81 7.87
C ILE A 100 1.58 19.55 8.19
N PHE A 101 1.44 20.78 7.70
CA PHE A 101 0.21 21.52 7.95
C PHE A 101 -1.03 20.80 7.42
N HIS A 102 -0.89 20.07 6.31
CA HIS A 102 -2.00 19.27 5.75
C HIS A 102 -2.39 18.17 6.73
N ILE A 103 -1.44 17.31 7.05
CA ILE A 103 -1.70 16.29 8.07
C ILE A 103 -2.31 16.98 9.28
N TYR A 104 -1.83 18.18 9.55
CA TYR A 104 -2.31 18.92 10.71
C TYR A 104 -3.81 19.20 10.63
N GLU A 105 -4.25 19.59 9.44
CA GLU A 105 -5.64 19.98 9.23
C GLU A 105 -6.61 18.95 9.81
N LYS A 106 -6.19 17.68 9.77
CA LYS A 106 -7.00 16.58 10.24
C LYS A 106 -6.65 16.18 11.67
N ALA A 107 -5.36 16.16 11.99
CA ALA A 107 -4.90 15.69 13.28
C ALA A 107 -5.27 16.61 14.45
N LYS A 108 -5.50 17.90 14.17
CA LYS A 108 -6.01 18.83 15.20
C LYS A 108 -7.27 18.32 15.92
N ALA A 109 -7.84 17.22 15.39
CA ALA A 109 -9.01 16.53 15.95
C ALA A 109 -8.64 15.59 17.10
N GLY A 110 -7.35 15.38 17.31
CA GLY A 110 -6.88 14.65 18.47
C GLY A 110 -5.98 15.54 19.29
N LYS A 111 -5.12 14.95 20.12
CA LYS A 111 -4.16 15.69 20.95
C LYS A 111 -2.82 15.72 20.23
N VAL A 112 -2.46 16.90 19.73
CA VAL A 112 -1.23 17.08 18.99
C VAL A 112 -0.27 17.78 19.92
N VAL A 113 0.87 17.15 20.18
CA VAL A 113 1.88 17.74 21.05
C VAL A 113 3.14 17.86 20.23
N GLY A 114 4.10 18.67 20.70
CA GLY A 114 5.35 18.80 19.99
C GLY A 114 5.52 20.09 19.22
N GLN A 115 4.62 21.06 19.45
CA GLN A 115 4.75 22.40 18.88
C GLN A 115 6.13 22.94 19.28
N THR A 116 6.85 23.51 18.32
CA THR A 116 8.21 24.00 18.54
C THR A 116 8.42 25.40 18.00
N SER A 117 9.44 26.06 18.54
CA SER A 117 9.75 27.44 18.15
C SER A 117 10.33 27.58 16.74
N THR A 118 10.30 28.81 16.26
CA THR A 118 10.78 29.16 14.93
C THR A 118 12.21 29.71 14.98
N ASP A 119 12.71 29.95 16.19
CA ASP A 119 14.05 30.47 16.39
C ASP A 119 15.10 29.64 15.64
N GLY A 120 16.03 30.33 14.98
CA GLY A 120 17.06 29.64 14.24
C GLY A 120 16.68 29.08 12.89
N TYR A 121 15.44 29.30 12.46
CA TYR A 121 14.98 28.87 11.14
C TYR A 121 14.75 30.16 10.39
N HIS A 122 15.01 30.15 9.07
CA HIS A 122 14.95 31.39 8.30
C HIS A 122 14.15 31.23 7.00
N PHE A 123 12.92 31.75 7.02
CA PHE A 123 12.00 31.56 5.91
C PHE A 123 11.01 32.73 5.81
N GLU A 124 10.50 32.96 4.61
CA GLU A 124 9.53 34.02 4.36
C GLU A 124 8.12 33.61 4.78
N ALA A 125 7.69 32.37 4.48
CA ALA A 125 6.34 31.92 4.85
C ALA A 125 6.18 30.43 5.07
N SER A 126 5.13 30.04 5.79
CA SER A 126 4.86 28.63 6.07
C SER A 126 3.55 28.38 6.81
N LYS A 127 2.70 27.60 6.19
CA LYS A 127 1.42 27.17 6.74
C LYS A 127 1.65 26.31 7.94
N ALA A 128 2.91 25.89 8.14
CA ALA A 128 3.29 25.08 9.31
C ALA A 128 3.39 25.92 10.57
N VAL A 129 3.68 27.20 10.43
CA VAL A 129 3.63 28.08 11.59
C VAL A 129 2.17 28.26 11.97
N GLU A 130 1.88 28.15 13.25
CA GLU A 130 0.49 28.20 13.73
C GLU A 130 0.48 28.75 15.15
N GLY A 131 -0.42 29.69 15.40
CA GLY A 131 -0.48 30.37 16.68
C GLY A 131 0.87 30.91 17.13
N GLY A 132 1.72 31.30 16.18
CA GLY A 132 3.01 31.87 16.51
C GLY A 132 4.20 30.92 16.53
N LYS A 133 3.96 29.62 16.41
CA LYS A 133 5.05 28.65 16.33
C LYS A 133 4.72 27.40 15.50
N PHE A 134 5.75 26.63 15.20
CA PHE A 134 5.61 25.42 14.40
C PHE A 134 4.62 24.44 15.02
N VAL A 135 3.88 23.76 14.16
CA VAL A 135 2.86 22.78 14.57
C VAL A 135 3.52 21.54 15.16
N GLY A 136 4.80 21.37 14.84
CA GLY A 136 5.57 20.27 15.39
C GLY A 136 7.04 20.54 15.21
N LEU A 137 7.82 19.47 15.24
CA LEU A 137 9.24 19.55 15.02
C LEU A 137 9.42 19.84 13.52
N VAL A 138 10.46 20.59 13.19
CA VAL A 138 10.76 20.88 11.82
C VAL A 138 12.20 20.53 11.55
N ILE A 139 12.40 19.62 10.60
CA ILE A 139 13.74 19.22 10.20
C ILE A 139 14.16 19.86 8.88
N ASP A 140 15.41 20.31 8.83
CA ASP A 140 15.94 20.77 7.55
C ASP A 140 17.28 20.13 7.30
N GLU A 141 17.24 19.00 6.59
CA GLU A 141 18.41 18.20 6.23
C GLU A 141 19.24 18.86 5.13
N ASP A 142 18.57 19.63 4.30
CA ASP A 142 19.25 20.31 3.21
C ASP A 142 20.31 21.29 3.67
N ASN A 143 19.90 22.22 4.54
CA ASN A 143 20.79 23.30 5.00
C ASN A 143 21.22 23.18 6.45
N GLN A 144 20.43 22.48 7.25
CA GLN A 144 20.72 22.38 8.67
C GLN A 144 20.81 20.93 9.16
N ASP A 145 21.38 20.07 8.32
CA ASP A 145 21.57 18.68 8.66
C ASP A 145 22.23 18.48 10.00
N ASP A 146 23.26 19.29 10.29
CA ASP A 146 24.01 19.14 11.54
C ASP A 146 23.26 19.49 12.82
N LEU A 147 22.05 20.04 12.68
CA LEU A 147 21.18 20.35 13.83
C LEU A 147 20.11 19.29 14.08
N THR A 148 20.06 18.28 13.22
CA THR A 148 19.00 17.25 13.29
C THR A 148 18.97 16.46 14.60
N ASP A 149 20.14 15.91 14.98
CA ASP A 149 20.26 15.14 16.19
C ASP A 149 19.85 15.88 17.47
N GLU A 150 20.25 17.13 17.63
CA GLU A 150 19.90 17.86 18.87
C GLU A 150 18.42 18.22 18.90
N ARG A 151 17.89 18.66 17.77
CA ARG A 151 16.47 18.94 17.67
C ARG A 151 15.68 17.68 18.05
N ILE A 152 16.10 16.55 17.49
CA ILE A 152 15.47 15.28 17.86
C ILE A 152 15.63 15.03 19.35
N SER A 153 16.85 15.05 19.86
CA SER A 153 17.04 14.82 21.30
C SER A 153 16.14 15.75 22.15
N LYS A 154 16.08 17.04 21.77
CA LYS A 154 15.28 18.01 22.52
C LYS A 154 13.78 17.74 22.40
N TRP A 155 13.31 17.52 21.18
CA TRP A 155 11.89 17.23 20.93
C TRP A 155 11.39 15.98 21.66
N VAL A 156 12.19 14.90 21.63
CA VAL A 156 11.81 13.66 22.31
C VAL A 156 11.69 13.95 23.80
N GLU A 157 12.54 14.84 24.29
CA GLU A 157 12.49 15.30 25.68
C GLU A 157 11.13 15.93 25.93
N GLN A 158 10.81 16.96 25.16
CA GLN A 158 9.55 17.68 25.28
C GLN A 158 8.34 16.76 25.15
N VAL A 159 8.53 15.70 24.37
CA VAL A 159 7.49 14.74 24.05
C VAL A 159 7.34 13.68 25.13
N ARG A 160 8.44 13.03 25.51
CA ARG A 160 8.44 11.94 26.50
C ARG A 160 7.10 11.87 27.22
N GLY A 161 6.70 12.96 27.86
CA GLY A 161 5.49 13.00 28.63
C GLY A 161 4.28 12.39 27.94
N SER A 162 3.85 13.06 26.88
CA SER A 162 2.69 12.65 26.09
C SER A 162 2.77 11.23 25.51
N PHE A 163 3.88 10.89 24.89
CA PHE A 163 4.09 9.55 24.39
C PHE A 163 4.75 8.68 25.45
N ALA A 164 3.95 8.21 26.41
CA ALA A 164 4.47 7.35 27.47
C ALA A 164 3.60 6.11 27.68
N GLY B 2 -15.96 -19.32 -24.91
CA GLY B 2 -15.73 -20.66 -25.50
C GLY B 2 -14.25 -20.92 -25.67
N LYS B 3 -13.58 -20.04 -26.43
CA LYS B 3 -12.12 -20.10 -26.60
C LYS B 3 -11.34 -19.82 -25.30
N ILE B 4 -11.84 -18.91 -24.46
CA ILE B 4 -11.11 -18.54 -23.23
C ILE B 4 -11.80 -19.06 -21.96
N GLY B 5 -11.16 -20.03 -21.30
CA GLY B 5 -11.68 -20.59 -20.06
C GLY B 5 -11.21 -19.83 -18.82
N ILE B 6 -12.17 -19.36 -18.03
CA ILE B 6 -11.88 -18.61 -16.80
C ILE B 6 -12.19 -19.46 -15.56
N PHE B 7 -11.15 -19.93 -14.90
CA PHE B 7 -11.29 -20.77 -13.70
C PHE B 7 -11.13 -19.92 -12.43
N PHE B 8 -12.12 -20.03 -11.55
CA PHE B 8 -12.12 -19.31 -10.29
C PHE B 8 -12.40 -20.26 -9.17
N GLY B 9 -12.03 -19.85 -7.95
CA GLY B 9 -12.37 -20.59 -6.74
C GLY B 9 -12.85 -19.52 -5.77
N THR B 10 -13.89 -19.83 -4.99
CA THR B 10 -14.49 -18.82 -4.13
C THR B 10 -14.99 -19.29 -2.76
N ASP B 11 -15.09 -18.33 -1.84
CA ASP B 11 -15.57 -18.57 -0.51
C ASP B 11 -16.72 -17.60 -0.24
N SER B 12 -16.51 -16.33 -0.62
CA SER B 12 -17.47 -15.26 -0.40
C SER B 12 -18.06 -14.68 -1.69
N GLY B 13 -17.66 -15.25 -2.82
CA GLY B 13 -18.21 -14.82 -4.08
C GLY B 13 -17.49 -13.68 -4.76
N ASN B 14 -16.47 -13.09 -4.14
CA ASN B 14 -15.71 -12.01 -4.78
C ASN B 14 -15.07 -12.49 -6.07
N ALA B 15 -14.31 -13.57 -5.98
CA ALA B 15 -13.64 -14.17 -7.14
C ALA B 15 -14.64 -14.59 -8.23
N GLU B 16 -15.82 -15.04 -7.81
CA GLU B 16 -16.90 -15.38 -8.76
C GLU B 16 -17.37 -14.14 -9.53
N ALA B 17 -17.61 -13.05 -8.80
CA ALA B 17 -18.05 -11.77 -9.38
C ALA B 17 -17.02 -11.22 -10.37
N ILE B 18 -15.77 -11.14 -9.93
CA ILE B 18 -14.62 -10.78 -10.75
C ILE B 18 -14.50 -11.64 -12.04
N ALA B 19 -14.63 -12.95 -11.89
CA ALA B 19 -14.49 -13.85 -13.03
C ALA B 19 -15.55 -13.54 -14.09
N GLU B 20 -16.78 -13.25 -13.63
CA GLU B 20 -17.90 -12.92 -14.50
C GLU B 20 -17.65 -11.59 -15.20
N LYS B 21 -17.13 -10.63 -14.43
CA LYS B 21 -16.74 -9.31 -14.94
C LYS B 21 -15.74 -9.44 -16.07
N ILE B 22 -14.74 -10.29 -15.87
CA ILE B 22 -13.72 -10.47 -16.88
C ILE B 22 -14.36 -11.12 -18.09
N SER B 23 -15.23 -12.11 -17.87
CA SER B 23 -15.94 -12.75 -18.98
C SER B 23 -16.69 -11.74 -19.86
N LYS B 24 -17.50 -10.91 -19.22
CA LYS B 24 -18.29 -9.86 -19.85
C LYS B 24 -17.41 -8.83 -20.58
N ALA B 25 -16.20 -8.62 -20.06
CA ALA B 25 -15.28 -7.61 -20.56
C ALA B 25 -14.36 -8.08 -21.69
N ILE B 26 -13.99 -9.35 -21.70
CA ILE B 26 -13.12 -9.89 -22.72
C ILE B 26 -13.92 -10.63 -23.79
N GLY B 27 -15.11 -11.09 -23.43
CA GLY B 27 -15.97 -11.82 -24.37
C GLY B 27 -15.47 -13.21 -24.68
N ASN B 28 -16.21 -13.97 -25.47
CA ASN B 28 -15.78 -15.29 -25.93
C ASN B 28 -15.11 -16.12 -24.82
N ALA B 29 -15.70 -16.09 -23.62
CA ALA B 29 -15.15 -16.77 -22.47
C ALA B 29 -16.17 -17.66 -21.79
N GLU B 30 -15.72 -18.81 -21.29
CA GLU B 30 -16.57 -19.73 -20.52
C GLU B 30 -16.18 -19.73 -19.04
N VAL B 31 -17.07 -19.29 -18.16
CA VAL B 31 -16.71 -19.26 -16.73
C VAL B 31 -16.94 -20.60 -16.04
N VAL B 32 -15.90 -21.13 -15.39
CA VAL B 32 -15.98 -22.40 -14.63
C VAL B 32 -15.48 -22.24 -13.23
N ASP B 33 -16.19 -22.89 -12.29
CA ASP B 33 -15.79 -22.95 -10.90
C ASP B 33 -14.91 -24.19 -10.69
N VAL B 34 -13.63 -23.97 -10.38
CA VAL B 34 -12.65 -25.04 -10.16
C VAL B 34 -13.08 -26.11 -9.13
N ALA B 35 -14.17 -25.85 -8.41
CA ALA B 35 -14.66 -26.73 -7.37
C ALA B 35 -15.45 -27.86 -7.97
N LYS B 36 -15.88 -27.65 -9.21
CA LYS B 36 -16.67 -28.64 -9.94
C LYS B 36 -16.02 -28.97 -11.30
N ALA B 37 -14.72 -28.70 -11.36
CA ALA B 37 -13.93 -28.85 -12.56
C ALA B 37 -12.99 -30.06 -12.49
N SER B 38 -12.15 -30.20 -13.52
CA SER B 38 -11.15 -31.27 -13.55
C SER B 38 -10.08 -31.04 -14.62
N LYS B 39 -9.10 -31.93 -14.61
CA LYS B 39 -8.01 -31.95 -15.59
C LYS B 39 -8.52 -31.94 -17.05
N GLU B 40 -9.38 -32.90 -17.41
CA GLU B 40 -9.93 -32.96 -18.76
C GLU B 40 -10.63 -31.67 -19.18
N GLN B 41 -11.27 -30.97 -18.24
CA GLN B 41 -11.94 -29.72 -18.61
C GLN B 41 -10.94 -28.57 -18.76
N PHE B 42 -9.98 -28.50 -17.85
CA PHE B 42 -8.89 -27.55 -17.93
C PHE B 42 -8.15 -27.65 -19.27
N ASN B 43 -7.84 -28.86 -19.71
CA ASN B 43 -7.05 -29.07 -20.92
C ASN B 43 -7.85 -29.03 -22.21
N SER B 44 -9.11 -28.59 -22.12
CA SER B 44 -9.89 -28.35 -23.32
C SER B 44 -9.65 -26.97 -23.91
N PHE B 45 -8.84 -26.15 -23.23
CA PHE B 45 -8.55 -24.77 -23.64
C PHE B 45 -7.04 -24.62 -23.88
N THR B 46 -6.66 -23.68 -24.76
CA THR B 46 -5.25 -23.28 -24.93
C THR B 46 -5.00 -21.89 -24.37
N LYS B 47 -6.08 -21.22 -23.97
CA LYS B 47 -6.02 -19.87 -23.42
C LYS B 47 -6.92 -19.82 -22.19
N VAL B 48 -6.31 -19.66 -21.01
CA VAL B 48 -7.07 -19.58 -19.77
C VAL B 48 -6.69 -18.37 -18.92
N ILE B 49 -7.69 -17.88 -18.19
CA ILE B 49 -7.51 -16.83 -17.20
C ILE B 49 -7.85 -17.44 -15.84
N LEU B 50 -6.87 -17.43 -14.94
CA LEU B 50 -7.08 -18.06 -13.65
C LEU B 50 -7.29 -17.03 -12.54
N VAL B 51 -8.46 -17.10 -11.89
CA VAL B 51 -8.78 -16.17 -10.81
C VAL B 51 -8.81 -16.94 -9.49
N ALA B 52 -8.10 -16.45 -8.48
CA ALA B 52 -8.00 -17.18 -7.23
C ALA B 52 -7.81 -16.28 -6.02
N PRO B 53 -8.70 -16.40 -5.04
CA PRO B 53 -8.59 -15.61 -3.82
C PRO B 53 -7.49 -16.13 -2.90
N THR B 54 -7.24 -15.41 -1.81
CA THR B 54 -6.13 -15.72 -0.94
C THR B 54 -6.66 -16.13 0.39
N ALA B 55 -6.08 -17.19 0.96
CA ALA B 55 -6.45 -17.71 2.30
C ALA B 55 -5.33 -17.54 3.34
N GLY B 56 -5.59 -17.99 4.57
CA GLY B 56 -4.62 -17.90 5.67
C GLY B 56 -3.19 -18.15 5.23
N ALA B 57 -2.33 -17.16 5.45
CA ALA B 57 -0.90 -17.28 5.18
C ALA B 57 -0.51 -17.22 3.68
N GLY B 58 -1.39 -16.64 2.86
CA GLY B 58 -1.14 -16.53 1.43
C GLY B 58 -1.52 -17.78 0.66
N ASP B 59 -2.14 -18.74 1.36
CA ASP B 59 -2.60 -19.96 0.72
C ASP B 59 -3.75 -19.69 -0.25
N LEU B 60 -3.86 -20.57 -1.23
CA LEU B 60 -4.95 -20.61 -2.18
C LEU B 60 -6.24 -20.99 -1.47
N GLN B 61 -7.35 -20.36 -1.86
CA GLN B 61 -8.68 -20.70 -1.38
C GLN B 61 -8.86 -22.23 -1.55
N THR B 62 -9.46 -22.89 -0.56
CA THR B 62 -9.64 -24.35 -0.59
C THR B 62 -9.74 -24.94 -1.98
N ASP B 63 -10.83 -24.64 -2.67
CA ASP B 63 -11.11 -25.24 -3.96
C ASP B 63 -9.98 -25.15 -4.97
N TRP B 64 -9.20 -24.08 -4.91
CA TRP B 64 -8.06 -23.92 -5.79
C TRP B 64 -6.88 -24.77 -5.30
N GLU B 65 -6.88 -25.10 -4.01
CA GLU B 65 -5.89 -26.00 -3.40
C GLU B 65 -6.03 -27.39 -4.01
N ASP B 66 -7.25 -27.93 -3.99
CA ASP B 66 -7.49 -29.28 -4.51
C ASP B 66 -7.30 -29.33 -6.01
N PHE B 67 -7.81 -28.33 -6.73
CA PHE B 67 -7.69 -28.31 -8.17
C PHE B 67 -6.25 -28.30 -8.59
N LEU B 68 -5.49 -27.33 -8.11
CA LEU B 68 -4.09 -27.16 -8.52
C LEU B 68 -3.34 -28.44 -8.20
N GLY B 69 -3.78 -29.11 -7.15
CA GLY B 69 -3.20 -30.36 -6.71
C GLY B 69 -3.34 -31.43 -7.78
N THR B 70 -4.35 -31.31 -8.63
CA THR B 70 -4.57 -32.32 -9.66
C THR B 70 -3.83 -32.00 -10.96
N LEU B 71 -3.06 -30.92 -10.97
CA LEU B 71 -2.36 -30.53 -12.19
C LEU B 71 -0.85 -30.48 -12.01
N GLU B 72 -0.16 -30.76 -13.11
CA GLU B 72 1.29 -30.74 -13.14
C GLU B 72 1.69 -29.47 -13.89
N ALA B 73 2.99 -29.19 -13.96
CA ALA B 73 3.48 -28.06 -14.72
C ALA B 73 3.21 -28.35 -16.20
N SER B 74 3.32 -29.62 -16.58
CA SER B 74 3.07 -30.02 -17.97
C SER B 74 1.67 -29.64 -18.45
N ASP B 75 0.72 -29.57 -17.51
CA ASP B 75 -0.66 -29.21 -17.82
C ASP B 75 -0.80 -27.74 -18.24
N PHE B 76 0.24 -26.92 -18.04
CA PHE B 76 0.22 -25.51 -18.43
C PHE B 76 1.14 -25.16 -19.61
N ALA B 77 2.10 -26.03 -19.92
CA ALA B 77 3.12 -25.70 -20.94
C ALA B 77 2.54 -25.34 -22.30
N ASN B 78 1.46 -25.99 -22.69
CA ASN B 78 0.83 -25.69 -23.98
C ASN B 78 -0.16 -24.54 -23.93
N LYS B 79 -0.21 -23.84 -22.80
CA LYS B 79 -1.23 -22.82 -22.61
C LYS B 79 -0.73 -21.38 -22.46
N THR B 80 -1.64 -20.45 -22.76
CA THR B 80 -1.43 -19.04 -22.51
C THR B 80 -2.23 -18.76 -21.26
N ILE B 81 -1.56 -18.25 -20.23
CA ILE B 81 -2.22 -18.06 -18.93
C ILE B 81 -2.29 -16.61 -18.48
N GLY B 82 -3.41 -16.26 -17.86
CA GLY B 82 -3.56 -14.95 -17.27
C GLY B 82 -3.77 -15.24 -15.82
N LEU B 83 -3.39 -14.33 -14.93
CA LEU B 83 -3.55 -14.57 -13.51
C LEU B 83 -4.17 -13.40 -12.72
N VAL B 84 -5.30 -13.64 -12.08
CA VAL B 84 -5.97 -12.58 -11.34
C VAL B 84 -6.12 -12.89 -9.86
N GLY B 85 -5.33 -12.22 -9.02
CA GLY B 85 -5.37 -12.49 -7.60
C GLY B 85 -6.18 -11.54 -6.74
N LEU B 86 -6.94 -12.09 -5.81
CA LEU B 86 -7.75 -11.28 -4.92
C LEU B 86 -7.18 -11.29 -3.52
N GLY B 87 -7.17 -10.13 -2.85
CA GLY B 87 -6.66 -10.06 -1.50
C GLY B 87 -7.03 -8.79 -0.75
N ASP B 88 -6.75 -8.80 0.55
CA ASP B 88 -7.02 -7.70 1.46
C ASP B 88 -5.67 -7.13 1.89
N GLN B 89 -5.18 -6.14 1.12
CA GLN B 89 -3.89 -5.50 1.39
C GLN B 89 -3.81 -4.86 2.77
N ASP B 90 -4.97 -4.47 3.31
CA ASP B 90 -5.07 -3.83 4.64
C ASP B 90 -4.88 -4.77 5.85
N THR B 91 -5.64 -5.86 5.88
CA THR B 91 -5.59 -6.80 7.01
C THR B 91 -4.35 -7.70 6.95
N TYR B 92 -3.89 -8.01 5.74
CA TYR B 92 -2.77 -8.91 5.53
C TYR B 92 -1.63 -8.25 4.75
N SER B 93 -0.97 -7.28 5.39
CA SER B 93 0.10 -6.50 4.79
C SER B 93 1.29 -7.34 4.35
N GLU B 94 1.55 -8.40 5.09
CA GLU B 94 2.70 -9.26 4.81
C GLU B 94 2.38 -10.36 3.81
N THR B 95 1.14 -10.42 3.32
CA THR B 95 0.70 -11.50 2.43
C THR B 95 -0.37 -11.04 1.40
N PHE B 96 -0.06 -10.01 0.63
CA PHE B 96 -1.08 -9.47 -0.26
C PHE B 96 -1.29 -10.30 -1.53
N ALA B 97 -2.52 -10.80 -1.70
CA ALA B 97 -2.93 -11.56 -2.87
C ALA B 97 -1.92 -12.65 -3.26
N GLU B 98 -1.36 -13.37 -2.28
CA GLU B 98 -0.35 -14.41 -2.59
C GLU B 98 -0.92 -15.56 -3.41
N GLY B 99 -2.04 -16.12 -2.96
CA GLY B 99 -2.62 -17.28 -3.58
C GLY B 99 -2.16 -17.54 -5.00
N ILE B 100 -2.38 -16.54 -5.85
CA ILE B 100 -2.01 -16.62 -7.26
C ILE B 100 -0.57 -17.08 -7.51
N PHE B 101 0.33 -16.77 -6.55
CA PHE B 101 1.73 -17.15 -6.64
C PHE B 101 1.91 -18.68 -6.72
N HIS B 102 1.13 -19.41 -5.95
CA HIS B 102 1.19 -20.88 -5.95
C HIS B 102 0.83 -21.38 -7.33
N ILE B 103 -0.34 -20.97 -7.81
CA ILE B 103 -0.71 -21.28 -9.19
C ILE B 103 0.45 -20.91 -10.09
N TYR B 104 0.90 -19.66 -9.97
CA TYR B 104 2.04 -19.19 -10.75
C TYR B 104 3.19 -20.20 -10.77
N GLU B 105 3.47 -20.81 -9.62
CA GLU B 105 4.59 -21.73 -9.54
C GLU B 105 4.49 -22.88 -10.55
N LYS B 106 3.27 -23.22 -10.93
CA LYS B 106 3.06 -24.27 -11.92
C LYS B 106 2.80 -23.68 -13.29
N ALA B 107 1.99 -22.63 -13.32
CA ALA B 107 1.55 -21.98 -14.55
C ALA B 107 2.67 -21.31 -15.35
N LYS B 108 3.70 -20.83 -14.67
CA LYS B 108 4.87 -20.23 -15.33
C LYS B 108 5.52 -21.18 -16.37
N ALA B 109 5.04 -22.42 -16.44
CA ALA B 109 5.50 -23.39 -17.43
C ALA B 109 5.00 -23.05 -18.81
N GLY B 110 4.03 -22.14 -18.88
CA GLY B 110 3.52 -21.66 -20.15
C GLY B 110 3.89 -20.22 -20.45
N LYS B 111 2.96 -19.52 -21.08
CA LYS B 111 3.13 -18.12 -21.43
C LYS B 111 2.15 -17.35 -20.55
N VAL B 112 2.62 -16.95 -19.38
CA VAL B 112 1.84 -16.15 -18.45
C VAL B 112 1.95 -14.70 -18.87
N VAL B 113 0.86 -14.12 -19.36
CA VAL B 113 0.84 -12.72 -19.75
C VAL B 113 -0.01 -11.97 -18.77
N GLY B 114 0.13 -10.66 -18.69
CA GLY B 114 -0.76 -9.86 -17.87
C GLY B 114 -0.18 -9.29 -16.59
N GLN B 115 1.15 -9.35 -16.43
CA GLN B 115 1.83 -8.73 -15.28
C GLN B 115 1.40 -7.27 -15.16
N THR B 116 1.22 -6.84 -13.92
CA THR B 116 0.72 -5.50 -13.68
C THR B 116 1.62 -4.83 -12.67
N SER B 117 1.54 -3.51 -12.60
CA SER B 117 2.30 -2.74 -11.63
C SER B 117 1.73 -2.86 -10.22
N THR B 118 2.64 -2.75 -9.26
CA THR B 118 2.31 -2.70 -7.85
C THR B 118 1.94 -1.27 -7.38
N ASP B 119 2.00 -0.31 -8.30
CA ASP B 119 1.60 1.05 -8.01
C ASP B 119 0.16 1.16 -7.55
N GLY B 120 -0.05 1.99 -6.52
CA GLY B 120 -1.37 2.23 -5.95
C GLY B 120 -1.85 1.14 -5.02
N TYR B 121 -0.97 0.17 -4.76
CA TYR B 121 -1.23 -0.89 -3.80
C TYR B 121 -0.34 -0.61 -2.59
N HIS B 122 -0.81 -0.98 -1.40
CA HIS B 122 -0.08 -0.62 -0.19
C HIS B 122 0.01 -1.80 0.76
N PHE B 123 1.20 -2.40 0.79
CA PHE B 123 1.42 -3.64 1.51
C PHE B 123 2.92 -3.80 1.75
N GLU B 124 3.27 -4.55 2.80
CA GLU B 124 4.65 -4.77 3.20
C GLU B 124 5.38 -5.88 2.40
N ALA B 125 4.68 -6.97 2.06
CA ALA B 125 5.33 -8.09 1.34
C ALA B 125 4.37 -8.99 0.58
N SER B 126 4.84 -9.58 -0.51
CA SER B 126 4.01 -10.49 -1.29
C SER B 126 4.80 -11.34 -2.30
N LYS B 127 4.55 -12.64 -2.27
CA LYS B 127 5.18 -13.56 -3.21
C LYS B 127 4.59 -13.44 -4.60
N ALA B 128 3.46 -12.73 -4.71
CA ALA B 128 2.83 -12.45 -6.00
C ALA B 128 3.61 -11.38 -6.75
N VAL B 129 4.49 -10.68 -6.04
CA VAL B 129 5.37 -9.71 -6.68
C VAL B 129 6.64 -10.46 -7.04
N GLU B 130 6.88 -10.57 -8.33
CA GLU B 130 8.06 -11.28 -8.79
C GLU B 130 8.65 -10.50 -9.95
N GLY B 131 9.91 -10.08 -9.81
CA GLY B 131 10.53 -9.18 -10.77
C GLY B 131 10.19 -7.69 -10.59
N GLY B 132 9.56 -7.33 -9.47
CA GLY B 132 9.14 -5.96 -9.24
C GLY B 132 7.74 -5.63 -9.74
N LYS B 133 7.05 -6.63 -10.28
CA LYS B 133 5.75 -6.43 -10.90
C LYS B 133 4.87 -7.56 -10.41
N PHE B 134 3.58 -7.31 -10.24
CA PHE B 134 2.69 -8.37 -9.79
C PHE B 134 2.69 -9.42 -10.89
N VAL B 135 2.58 -10.69 -10.49
CA VAL B 135 2.49 -11.83 -11.42
C VAL B 135 1.20 -11.81 -12.28
N GLY B 136 0.40 -10.76 -12.14
CA GLY B 136 -0.82 -10.64 -12.90
C GLY B 136 -1.69 -9.61 -12.26
N LEU B 137 -2.92 -9.49 -12.75
CA LEU B 137 -3.88 -8.57 -12.18
C LEU B 137 -4.05 -8.93 -10.71
N VAL B 138 -4.16 -7.90 -9.88
CA VAL B 138 -4.40 -8.03 -8.46
C VAL B 138 -5.59 -7.17 -8.08
N ILE B 139 -6.67 -7.83 -7.65
CA ILE B 139 -7.89 -7.12 -7.24
C ILE B 139 -8.00 -7.05 -5.70
N ASP B 140 -8.48 -5.93 -5.16
CA ASP B 140 -8.77 -5.85 -3.72
C ASP B 140 -10.20 -5.36 -3.44
N GLU B 141 -11.15 -6.30 -3.30
CA GLU B 141 -12.58 -5.98 -3.08
C GLU B 141 -12.87 -5.46 -1.66
N ASP B 142 -11.95 -5.74 -0.74
CA ASP B 142 -12.12 -5.40 0.65
C ASP B 142 -11.89 -3.92 0.89
N ASN B 143 -10.91 -3.37 0.20
CA ASN B 143 -10.48 -1.97 0.39
C ASN B 143 -10.51 -1.11 -0.87
N GLN B 144 -10.23 -1.73 -2.01
CA GLN B 144 -10.16 -1.03 -3.28
C GLN B 144 -11.23 -1.48 -4.27
N ASP B 145 -12.45 -1.62 -3.79
CA ASP B 145 -13.56 -2.09 -4.60
C ASP B 145 -13.90 -1.16 -5.75
N ASP B 146 -13.92 0.15 -5.45
CA ASP B 146 -14.20 1.19 -6.43
C ASP B 146 -13.29 1.08 -7.64
N LEU B 147 -12.11 0.50 -7.43
CA LEU B 147 -11.10 0.45 -8.50
C LEU B 147 -11.18 -0.81 -9.33
N THR B 148 -12.08 -1.72 -8.96
CA THR B 148 -12.20 -3.03 -9.61
C THR B 148 -12.52 -3.01 -11.10
N ASP B 149 -13.56 -2.29 -11.47
CA ASP B 149 -14.00 -2.22 -12.86
C ASP B 149 -12.97 -1.70 -13.86
N GLU B 150 -12.29 -0.61 -13.52
CA GLU B 150 -11.31 0.01 -14.42
C GLU B 150 -10.05 -0.80 -14.50
N ARG B 151 -9.72 -1.49 -13.41
CA ARG B 151 -8.58 -2.39 -13.38
C ARG B 151 -8.81 -3.52 -14.37
N ILE B 152 -10.03 -4.06 -14.36
CA ILE B 152 -10.42 -5.10 -15.30
C ILE B 152 -10.51 -4.59 -16.75
N SER B 153 -11.05 -3.39 -16.96
CA SER B 153 -11.07 -2.82 -18.32
C SER B 153 -9.64 -2.65 -18.86
N LYS B 154 -8.78 -2.10 -18.03
CA LYS B 154 -7.39 -1.84 -18.38
C LYS B 154 -6.65 -3.14 -18.68
N TRP B 155 -6.81 -4.11 -17.79
CA TRP B 155 -6.13 -5.41 -17.87
C TRP B 155 -6.56 -6.28 -19.06
N VAL B 156 -7.87 -6.30 -19.33
CA VAL B 156 -8.41 -7.03 -20.48
C VAL B 156 -7.77 -6.51 -21.77
N GLU B 157 -7.58 -5.19 -21.85
CA GLU B 157 -6.95 -4.56 -23.00
C GLU B 157 -5.49 -4.98 -23.17
N GLN B 158 -4.73 -4.86 -22.08
CA GLN B 158 -3.35 -5.32 -22.05
C GLN B 158 -3.20 -6.81 -22.42
N VAL B 159 -4.32 -7.53 -22.46
CA VAL B 159 -4.30 -8.96 -22.76
C VAL B 159 -4.88 -9.31 -24.14
N ARG B 160 -5.88 -8.54 -24.57
CA ARG B 160 -6.56 -8.79 -25.85
C ARG B 160 -5.62 -9.39 -26.87
N GLY B 161 -4.39 -8.88 -26.90
CA GLY B 161 -3.39 -9.34 -27.86
C GLY B 161 -2.94 -10.79 -27.72
N SER B 162 -2.90 -11.28 -26.48
CA SER B 162 -2.52 -12.66 -26.24
C SER B 162 -3.73 -13.60 -26.27
N PHE B 163 -4.93 -13.03 -26.20
CA PHE B 163 -6.17 -13.80 -26.09
C PHE B 163 -7.11 -13.60 -27.29
N ALA B 164 -6.54 -13.75 -28.48
CA ALA B 164 -7.27 -13.63 -29.73
C ALA B 164 -7.64 -15.02 -30.29
N1 FMN C . 10.89 21.71 1.25
C2 FMN C . 10.15 22.74 1.82
O2 FMN C . 10.47 23.19 2.91
N3 FMN C . 9.08 23.27 1.15
C4 FMN C . 8.72 22.79 -0.08
O4 FMN C . 7.69 23.22 -0.59
C4A FMN C . 9.46 21.76 -0.66
N5 FMN C . 9.08 21.28 -1.89
C5A FMN C . 9.81 20.27 -2.48
C6 FMN C . 9.40 19.82 -3.73
C7 FMN C . 10.06 18.80 -4.38
C7M FMN C . 9.37 18.14 -5.56
C8 FMN C . 11.18 18.21 -3.75
C8M FMN C . 11.88 17.02 -4.33
C9 FMN C . 11.59 18.67 -2.49
C9A FMN C . 10.92 19.70 -1.83
N10 FMN C . 11.31 20.16 -0.56
C10 FMN C . 10.56 21.20 0.01
C1' FMN C . 12.51 19.58 0.19
C2' FMN C . 12.23 18.18 0.78
O2' FMN C . 11.06 18.12 1.57
C3' FMN C . 13.45 17.72 1.55
O3' FMN C . 14.52 17.63 0.65
C4' FMN C . 13.19 16.39 2.26
O4' FMN C . 14.12 16.33 3.33
C5' FMN C . 13.22 15.16 1.34
O5' FMN C . 12.59 14.13 2.00
P FMN C . 13.06 12.69 1.74
O1P FMN C . 14.52 12.61 1.53
O2P FMN C . 12.31 12.29 0.48
O3P FMN C . 12.54 11.91 2.98
N4 IC3 D . 11.22 16.29 -4.96
C11 IC3 D . 10.80 17.39 -4.77
C9 IC3 D . 10.27 18.50 -4.24
C10 IC3 D . 10.58 19.01 -2.92
N5 IC3 D . 11.45 18.39 -2.10
C8 IC3 D . 9.35 19.35 -4.83
N2 IC3 D . 9.11 20.34 -3.90
N1 IC3 D . 9.88 20.13 -2.74
C1 IC3 D . 9.82 20.92 -1.62
C2 IC3 D . 8.91 21.96 -1.32
N3 IC3 D . 7.94 22.37 -2.22
O2 IC3 D . 7.88 21.89 -3.33
O1 IC3 D . 7.15 23.23 -1.88
C3 IC3 D . 8.91 22.69 -0.13
C4 IC3 D . 9.83 22.39 0.86
C7 IC3 D . 9.86 23.11 2.16
F3 IC3 D . 10.79 24.05 2.22
F2 IC3 D . 8.68 23.63 2.36
F1 IC3 D . 10.11 22.23 3.10
C5 IC3 D . 10.71 21.38 0.64
C6 IC3 D . 10.69 20.68 -0.56
N1 FMN E . -5.97 -11.61 1.59
C2 FMN E . -4.60 -11.41 1.37
O2 FMN E . -4.19 -10.56 0.59
N3 FMN E . -3.70 -12.19 2.05
C4 FMN E . -4.14 -13.16 2.94
O4 FMN E . -3.34 -13.81 3.60
C4A FMN E . -5.50 -13.36 3.17
N5 FMN E . -5.88 -14.33 4.08
C5A FMN E . -7.20 -14.53 4.33
C6 FMN E . -7.59 -15.52 5.25
C7 FMN E . -8.95 -15.76 5.53
C7M FMN E . -9.31 -16.70 6.66
C8 FMN E . -9.93 -15.01 4.87
C8M FMN E . -11.38 -15.01 5.35
C9 FMN E . -9.53 -14.02 3.95
C9A FMN E . -8.18 -13.76 3.66
N10 FMN E . -7.80 -12.78 2.72
C10 FMN E . -6.44 -12.57 2.49
C1' FMN E . -8.84 -12.03 1.93
C2' FMN E . -9.40 -12.77 0.72
O2' FMN E . -8.40 -13.31 -0.12
C3' FMN E . -10.32 -11.85 -0.09
O3' FMN E . -11.21 -11.25 0.83
C4' FMN E . -11.10 -12.58 -1.18
O4' FMN E . -11.59 -11.59 -2.03
C5' FMN E . -12.31 -13.44 -0.82
O5' FMN E . -12.60 -14.15 -1.98
P FMN E . -14.03 -14.75 -2.16
O1P FMN E . -15.01 -13.67 -1.82
O2P FMN E . -14.13 -16.00 -1.26
O3P FMN E . -14.07 -15.13 -3.62
#